data_5IPC
#
_entry.id   5IPC
#
_cell.length_a   77.943
_cell.length_b   46.504
_cell.length_c   63.916
_cell.angle_alpha   90.000
_cell.angle_beta   94.720
_cell.angle_gamma   90.000
#
_symmetry.space_group_name_H-M   'C 1 2 1'
#
loop_
_entity.id
_entity.type
_entity.pdbx_description
1 polymer 'Histidine triad nucleotide-binding protein 1'
2 non-polymer "5'-S-[(S)-hydroxy{[2-(1H-indol-3-yl)ethyl]amino}phosphoryl]-5'-thioguanosine"
3 non-polymer 1,2-ETHANEDIOL
4 non-polymer 'CHLORIDE ION'
5 water water
#
_entity_poly.entity_id   1
_entity_poly.type   'polypeptide(L)'
_entity_poly.pdbx_seq_one_letter_code
;SNAMADEIAKAQVARPGGDTIFGKIIRKEIPAKIIFEDDRCLAFHDISPQAPTHFLVIPKKHISQISVAEDDDESLLGHL
MIVGKKCAADLGLNKGYRMVVNEGSDGGQSVYHVNLHVLGGRQMHWPPG
;
_entity_poly.pdbx_strand_id   A,B
#
# COMPACT_ATOMS: atom_id res chain seq x y z
N ARG A 15 27.01 -1.13 -3.35
CA ARG A 15 26.36 -0.22 -4.29
C ARG A 15 25.01 0.23 -3.76
N PRO A 16 24.75 1.54 -3.81
CA PRO A 16 23.50 2.07 -3.24
C PRO A 16 22.28 1.53 -3.97
N GLY A 17 21.33 1.00 -3.20
CA GLY A 17 20.14 0.40 -3.72
C GLY A 17 20.14 -1.11 -3.73
N GLY A 18 21.30 -1.74 -3.57
CA GLY A 18 21.42 -3.18 -3.60
C GLY A 18 21.52 -3.73 -5.01
N ASP A 19 21.61 -5.06 -5.10
CA ASP A 19 21.77 -5.72 -6.40
C ASP A 19 20.55 -6.54 -6.81
N THR A 20 19.39 -6.37 -6.16
CA THR A 20 18.18 -6.86 -6.79
C THR A 20 17.98 -6.12 -8.10
N ILE A 21 17.08 -6.65 -8.93
CA ILE A 21 16.73 -5.99 -10.19
C ILE A 21 16.37 -4.54 -9.95
N PHE A 22 15.72 -4.23 -8.83
CA PHE A 22 15.30 -2.86 -8.59
C PHE A 22 16.50 -1.96 -8.24
N GLY A 23 17.48 -2.50 -7.54
CA GLY A 23 18.71 -1.73 -7.33
C GLY A 23 19.43 -1.44 -8.63
N LYS A 24 19.47 -2.43 -9.53
CA LYS A 24 20.06 -2.20 -10.86
C LYS A 24 19.31 -1.12 -11.62
N ILE A 25 17.97 -1.13 -11.54
CA ILE A 25 17.17 -0.11 -12.21
C ILE A 25 17.44 1.27 -11.62
N ILE A 26 17.51 1.36 -10.29
CA ILE A 26 17.83 2.63 -9.63
C ILE A 26 19.12 3.23 -10.16
N ARG A 27 20.15 2.39 -10.35
CA ARG A 27 21.45 2.88 -10.78
C ARG A 27 21.59 2.96 -12.30
N LYS A 28 20.50 2.81 -13.04
CA LYS A 28 20.51 2.91 -14.50
C LYS A 28 21.33 1.81 -15.16
N GLU A 29 21.56 0.71 -14.46
CA GLU A 29 22.32 -0.40 -15.01
C GLU A 29 21.46 -1.36 -15.83
N ILE A 30 20.15 -1.34 -15.58
CA ILE A 30 19.16 -2.10 -16.35
C ILE A 30 18.09 -1.10 -16.75
N PRO A 31 17.63 -1.09 -18.01
CA PRO A 31 16.67 -0.06 -18.42
C PRO A 31 15.27 -0.32 -17.86
N ALA A 32 14.53 0.76 -17.71
CA ALA A 32 13.13 0.70 -17.29
C ALA A 32 12.44 1.92 -17.87
N LYS A 33 11.11 1.88 -17.88
CA LYS A 33 10.31 2.99 -18.38
C LYS A 33 9.92 3.82 -17.16
N ILE A 34 10.68 4.88 -16.92
CA ILE A 34 10.55 5.65 -15.70
CA ILE A 34 10.59 5.68 -15.70
C ILE A 34 9.48 6.71 -15.86
N ILE A 35 8.65 6.83 -14.84
CA ILE A 35 7.57 7.81 -14.78
C ILE A 35 7.97 9.03 -13.98
N PHE A 36 8.64 8.81 -12.85
CA PHE A 36 8.99 9.88 -11.93
C PHE A 36 10.19 9.43 -11.12
N GLU A 37 11.04 10.39 -10.77
CA GLU A 37 12.21 10.09 -9.96
C GLU A 37 12.50 11.27 -9.05
N ASP A 38 12.79 10.99 -7.79
CA ASP A 38 13.32 12.01 -6.88
C ASP A 38 14.43 11.39 -6.04
N ASP A 39 14.87 12.12 -5.01
CA ASP A 39 15.97 11.64 -4.19
C ASP A 39 15.59 10.45 -3.32
N ARG A 40 14.29 10.21 -3.11
CA ARG A 40 13.85 9.14 -2.23
CA ARG A 40 13.83 9.15 -2.22
C ARG A 40 13.25 7.94 -2.94
N CYS A 41 12.79 8.10 -4.18
CA CYS A 41 12.04 7.00 -4.80
C CYS A 41 12.08 7.09 -6.31
N LEU A 42 11.54 6.05 -6.93
CA LEU A 42 11.52 5.90 -8.38
C LEU A 42 10.21 5.21 -8.72
N ALA A 43 9.48 5.74 -9.71
CA ALA A 43 8.27 5.11 -10.23
C ALA A 43 8.52 4.69 -11.67
N PHE A 44 8.15 3.47 -12.02
CA PHE A 44 8.43 2.94 -13.35
C PHE A 44 7.42 1.85 -13.67
N HIS A 45 7.21 1.59 -14.95
CA HIS A 45 6.18 0.65 -15.37
C HIS A 45 6.59 -0.79 -15.11
N ASP A 46 5.61 -1.61 -14.76
CA ASP A 46 5.85 -3.03 -14.55
C ASP A 46 6.04 -3.72 -15.90
N ILE A 47 7.04 -4.60 -15.97
CA ILE A 47 7.35 -5.31 -17.21
C ILE A 47 6.32 -6.38 -17.54
N SER A 48 5.53 -6.80 -16.56
CA SER A 48 4.48 -7.82 -16.73
CA SER A 48 4.48 -7.82 -16.73
C SER A 48 3.18 -7.24 -16.20
N PRO A 49 2.60 -6.26 -16.90
CA PRO A 49 1.43 -5.55 -16.36
C PRO A 49 0.22 -6.46 -16.19
N GLN A 50 -0.46 -6.28 -15.06
CA GLN A 50 -1.68 -7.00 -14.74
C GLN A 50 -2.92 -6.15 -14.94
N ALA A 51 -2.76 -4.94 -15.44
CA ALA A 51 -3.86 -4.04 -15.74
C ALA A 51 -3.40 -3.13 -16.87
N PRO A 52 -4.31 -2.43 -17.53
CA PRO A 52 -3.89 -1.55 -18.61
C PRO A 52 -2.82 -0.55 -18.22
N THR A 53 -2.87 -0.01 -17.00
CA THR A 53 -1.76 0.72 -16.41
C THR A 53 -1.32 -0.01 -15.16
N HIS A 54 -0.02 -0.31 -15.07
CA HIS A 54 0.51 -1.02 -13.91
C HIS A 54 1.95 -0.55 -13.73
N PHE A 55 2.18 0.19 -12.65
CA PHE A 55 3.51 0.69 -12.37
C PHE A 55 3.88 0.40 -10.93
N LEU A 56 5.14 0.65 -10.62
CA LEU A 56 5.71 0.37 -9.31
C LEU A 56 6.37 1.64 -8.79
N VAL A 57 6.30 1.83 -7.47
CA VAL A 57 7.01 2.89 -6.79
C VAL A 57 7.93 2.23 -5.77
N ILE A 58 9.23 2.51 -5.87
CA ILE A 58 10.20 1.88 -4.97
C ILE A 58 11.04 2.94 -4.27
N PRO A 59 11.45 2.69 -3.03
CA PRO A 59 12.44 3.56 -2.40
C PRO A 59 13.80 3.37 -3.04
N LYS A 60 14.59 4.44 -3.03
CA LYS A 60 15.99 4.29 -3.42
C LYS A 60 16.80 3.63 -2.31
N LYS A 61 16.43 3.86 -1.05
CA LYS A 61 17.01 3.12 0.07
C LYS A 61 16.57 1.67 -0.03
N HIS A 62 17.52 0.75 0.09
CA HIS A 62 17.15 -0.66 0.02
C HIS A 62 16.53 -1.11 1.33
N ILE A 63 15.28 -1.53 1.26
CA ILE A 63 14.58 -2.21 2.34
C ILE A 63 14.07 -3.50 1.73
N SER A 64 14.40 -4.64 2.34
CA SER A 64 14.13 -5.91 1.68
C SER A 64 12.65 -6.24 1.58
N GLN A 65 11.87 -5.85 2.59
CA GLN A 65 10.46 -6.20 2.64
C GLN A 65 9.83 -5.35 3.73
N ILE A 66 8.52 -5.14 3.61
CA ILE A 66 7.85 -4.25 4.54
C ILE A 66 7.96 -4.75 5.97
N SER A 67 8.05 -6.07 6.17
CA SER A 67 8.09 -6.60 7.53
C SER A 67 9.35 -6.19 8.29
N VAL A 68 10.40 -5.73 7.60
CA VAL A 68 11.62 -5.29 8.27
C VAL A 68 11.82 -3.78 8.21
N ALA A 69 10.83 -3.04 7.71
CA ALA A 69 10.95 -1.59 7.70
C ALA A 69 11.09 -1.05 9.13
N GLU A 70 11.90 -0.02 9.28
CA GLU A 70 12.13 0.56 10.60
C GLU A 70 11.13 1.68 10.88
N ASP A 71 10.98 2.02 12.16
CA ASP A 71 10.06 3.08 12.54
C ASP A 71 10.36 4.39 11.80
N ASP A 72 11.64 4.68 11.60
CA ASP A 72 12.03 5.92 10.94
CA ASP A 72 12.03 5.92 10.94
C ASP A 72 11.78 5.90 9.44
N ASP A 73 11.31 4.76 8.89
CA ASP A 73 10.95 4.66 7.49
C ASP A 73 9.53 5.14 7.21
N GLU A 74 8.80 5.63 8.22
CA GLU A 74 7.41 5.99 8.01
C GLU A 74 7.25 7.04 6.91
N SER A 75 8.03 8.11 6.96
N SER A 75 8.03 8.12 6.98
CA SER A 75 7.85 9.17 5.97
CA SER A 75 7.91 9.18 6.00
C SER A 75 8.18 8.68 4.57
C SER A 75 8.18 8.66 4.59
N LEU A 76 9.20 7.82 4.44
CA LEU A 76 9.55 7.26 3.14
C LEU A 76 8.43 6.39 2.59
N LEU A 77 7.85 5.53 3.43
CA LEU A 77 6.76 4.66 2.97
C LEU A 77 5.56 5.48 2.56
N GLY A 78 5.20 6.49 3.36
CA GLY A 78 4.12 7.39 2.97
C GLY A 78 4.42 8.11 1.67
N HIS A 79 5.68 8.48 1.47
CA HIS A 79 6.08 9.16 0.24
C HIS A 79 5.84 8.27 -0.98
N LEU A 80 6.06 6.96 -0.83
CA LEU A 80 5.75 6.05 -1.94
C LEU A 80 4.28 6.16 -2.33
N MET A 81 3.38 6.25 -1.35
CA MET A 81 1.96 6.33 -1.66
C MET A 81 1.58 7.67 -2.26
N ILE A 82 2.17 8.76 -1.75
CA ILE A 82 1.89 10.07 -2.31
C ILE A 82 2.37 10.15 -3.75
N VAL A 83 3.59 9.66 -4.00
CA VAL A 83 4.11 9.62 -5.37
C VAL A 83 3.23 8.72 -6.23
N GLY A 84 2.80 7.58 -5.69
CA GLY A 84 1.94 6.68 -6.44
C GLY A 84 0.65 7.35 -6.87
N LYS A 85 0.00 8.07 -5.94
CA LYS A 85 -1.26 8.69 -6.32
C LYS A 85 -1.06 9.88 -7.25
N LYS A 86 0.06 10.61 -7.12
CA LYS A 86 0.33 11.69 -8.06
C LYS A 86 0.63 11.15 -9.46
N CYS A 87 1.41 10.08 -9.54
CA CYS A 87 1.67 9.47 -10.85
C CYS A 87 0.39 8.94 -11.47
N ALA A 88 -0.48 8.34 -10.66
CA ALA A 88 -1.75 7.82 -11.17
C ALA A 88 -2.57 8.93 -11.79
N ALA A 89 -2.64 10.08 -11.12
CA ALA A 89 -3.35 11.23 -11.68
C ALA A 89 -2.70 11.69 -12.98
N ASP A 90 -1.35 11.75 -13.00
CA ASP A 90 -0.65 12.20 -14.20
C ASP A 90 -0.88 11.24 -15.37
N LEU A 91 -1.09 9.97 -15.09
CA LEU A 91 -1.36 8.96 -16.11
C LEU A 91 -2.83 8.83 -16.43
N GLY A 92 -3.68 9.72 -15.91
CA GLY A 92 -5.07 9.74 -16.28
C GLY A 92 -5.94 8.66 -15.69
N LEU A 93 -5.57 8.10 -14.53
CA LEU A 93 -6.38 7.07 -13.88
C LEU A 93 -7.51 7.69 -13.06
N ASN A 94 -8.37 8.43 -13.76
CA ASN A 94 -9.42 9.20 -13.13
C ASN A 94 -10.55 8.35 -12.57
N LYS A 95 -10.69 7.10 -13.00
CA LYS A 95 -11.72 6.23 -12.47
C LYS A 95 -11.25 5.39 -11.29
N GLY A 96 -10.00 5.51 -10.90
CA GLY A 96 -9.51 4.83 -9.71
C GLY A 96 -8.39 3.85 -10.03
N TYR A 97 -7.92 3.20 -8.98
CA TYR A 97 -6.76 2.32 -9.07
C TYR A 97 -6.63 1.60 -7.74
N ARG A 98 -5.74 0.61 -7.72
CA ARG A 98 -5.45 -0.16 -6.53
C ARG A 98 -3.96 -0.13 -6.27
N MET A 99 -3.60 0.05 -5.00
CA MET A 99 -2.22 0.00 -4.54
C MET A 99 -2.00 -1.30 -3.77
N VAL A 100 -0.85 -1.94 -3.99
CA VAL A 100 -0.56 -3.24 -3.41
C VAL A 100 0.89 -3.29 -2.94
N VAL A 101 1.11 -3.84 -1.75
CA VAL A 101 2.44 -4.25 -1.29
C VAL A 101 2.39 -5.72 -0.92
N ASN A 102 3.32 -6.51 -1.47
CA ASN A 102 3.39 -7.94 -1.22
C ASN A 102 4.51 -8.25 -0.24
N GLU A 103 4.21 -9.03 0.80
CA GLU A 103 5.19 -9.41 1.80
C GLU A 103 5.33 -10.92 1.85
N GLY A 104 6.55 -11.41 1.65
CA GLY A 104 6.83 -12.81 1.89
C GLY A 104 6.13 -13.74 0.92
N SER A 105 6.22 -15.03 1.24
CA SER A 105 5.73 -16.07 0.35
C SER A 105 4.21 -16.00 0.17
N ASP A 106 3.46 -15.88 1.26
CA ASP A 106 2.01 -15.81 1.14
C ASP A 106 1.56 -14.52 0.45
N GLY A 107 2.33 -13.44 0.58
CA GLY A 107 1.98 -12.21 -0.10
C GLY A 107 2.29 -12.22 -1.58
N GLY A 108 3.06 -13.20 -2.04
CA GLY A 108 3.50 -13.22 -3.41
C GLY A 108 4.73 -12.40 -3.71
N GLN A 109 5.56 -12.14 -2.70
CA GLN A 109 6.77 -11.37 -2.95
C GLN A 109 7.76 -12.16 -3.81
N SER A 110 8.31 -11.51 -4.83
CA SER A 110 9.27 -12.14 -5.72
C SER A 110 10.56 -11.36 -5.87
N VAL A 111 10.58 -10.07 -5.50
CA VAL A 111 11.79 -9.26 -5.50
C VAL A 111 11.88 -8.66 -4.11
N TYR A 112 12.99 -8.92 -3.42
CA TYR A 112 13.11 -8.49 -2.03
C TYR A 112 13.74 -7.09 -1.96
N HIS A 113 12.98 -6.16 -2.51
CA HIS A 113 13.18 -4.72 -2.38
C HIS A 113 11.77 -4.16 -2.37
N VAL A 114 11.42 -3.42 -1.32
CA VAL A 114 10.05 -2.95 -1.13
C VAL A 114 9.55 -2.25 -2.37
N ASN A 115 8.33 -2.58 -2.79
CA ASN A 115 7.74 -1.93 -3.95
C ASN A 115 6.23 -1.82 -3.78
N LEU A 116 5.70 -0.67 -4.18
CA LEU A 116 4.27 -0.40 -4.16
C LEU A 116 3.73 -0.49 -5.58
N HIS A 117 2.80 -1.40 -5.82
CA HIS A 117 2.15 -1.48 -7.13
C HIS A 117 1.04 -0.47 -7.19
N VAL A 118 0.82 0.09 -8.38
CA VAL A 118 -0.37 0.87 -8.69
C VAL A 118 -0.95 0.30 -9.97
N LEU A 119 -2.20 -0.17 -9.90
CA LEU A 119 -2.88 -0.83 -11.02
C LEU A 119 -4.16 -0.08 -11.32
N GLY A 120 -4.40 0.21 -12.59
CA GLY A 120 -5.66 0.82 -12.96
C GLY A 120 -5.94 0.66 -14.43
N GLY A 121 -6.98 1.36 -14.89
CA GLY A 121 -7.41 1.28 -16.26
C GLY A 121 -8.38 0.16 -16.56
N ARG A 122 -8.79 -0.59 -15.54
CA ARG A 122 -9.84 -1.58 -15.65
C ARG A 122 -10.46 -1.72 -14.28
N GLN A 123 -11.62 -2.36 -14.24
CA GLN A 123 -12.25 -2.66 -12.96
C GLN A 123 -11.40 -3.70 -12.23
N MET A 124 -10.95 -3.36 -11.02
CA MET A 124 -10.29 -4.33 -10.15
C MET A 124 -11.35 -5.09 -9.36
N HIS A 125 -11.07 -6.36 -9.08
CA HIS A 125 -12.05 -7.25 -8.47
C HIS A 125 -11.70 -7.52 -7.01
N TRP A 126 -12.65 -8.09 -6.30
CA TRP A 126 -12.47 -8.47 -4.90
C TRP A 126 -12.72 -9.95 -4.80
N PRO A 127 -11.91 -10.70 -4.05
CA PRO A 127 -10.78 -10.26 -3.22
C PRO A 127 -9.56 -9.89 -4.07
N PRO A 128 -8.60 -9.17 -3.46
CA PRO A 128 -7.42 -8.71 -4.21
C PRO A 128 -6.36 -9.81 -4.31
N GLY A 129 -6.71 -10.88 -5.01
CA GLY A 129 -5.93 -12.10 -5.00
C GLY A 129 -6.30 -13.01 -3.84
N GLY B 18 -18.23 13.72 4.21
CA GLY B 18 -19.34 12.99 4.79
C GLY B 18 -18.90 11.84 5.68
N ASP B 19 -19.62 11.65 6.79
CA ASP B 19 -19.30 10.59 7.73
C ASP B 19 -19.45 9.22 7.07
N THR B 20 -18.69 8.25 7.56
CA THR B 20 -18.80 6.88 7.09
C THR B 20 -18.87 5.95 8.29
N ILE B 21 -19.15 4.68 7.99
CA ILE B 21 -19.17 3.67 9.02
C ILE B 21 -17.83 3.59 9.75
N PHE B 22 -16.71 3.91 9.07
CA PHE B 22 -15.42 3.87 9.76
C PHE B 22 -15.29 5.02 10.77
N GLY B 23 -15.90 6.17 10.49
CA GLY B 23 -16.00 7.21 11.50
C GLY B 23 -16.74 6.74 12.74
N LYS B 24 -17.83 5.99 12.55
CA LYS B 24 -18.56 5.44 13.69
C LYS B 24 -17.70 4.48 14.48
N ILE B 25 -16.88 3.68 13.79
CA ILE B 25 -16.01 2.75 14.48
C ILE B 25 -14.96 3.49 15.30
N ILE B 26 -14.38 4.54 14.73
CA ILE B 26 -13.40 5.34 15.46
C ILE B 26 -14.01 5.95 16.71
N ARG B 27 -15.23 6.44 16.59
CA ARG B 27 -15.91 7.08 17.71
C ARG B 27 -16.50 6.09 18.70
N LYS B 28 -16.32 4.79 18.45
CA LYS B 28 -16.79 3.70 19.30
C LYS B 28 -18.31 3.61 19.35
N GLU B 29 -18.98 4.15 18.34
CA GLU B 29 -20.44 4.12 18.29
C GLU B 29 -20.98 2.80 17.80
N ILE B 30 -20.20 2.05 17.03
CA ILE B 30 -20.61 0.70 16.68
C ILE B 30 -19.42 -0.22 16.95
N PRO B 31 -19.65 -1.50 17.21
CA PRO B 31 -18.54 -2.37 17.62
C PRO B 31 -17.67 -2.80 16.46
N ALA B 32 -16.41 -3.04 16.79
CA ALA B 32 -15.45 -3.67 15.91
C ALA B 32 -14.44 -4.38 16.80
N LYS B 33 -13.79 -5.41 16.26
CA LYS B 33 -12.76 -6.13 16.99
C LYS B 33 -11.44 -5.40 16.78
N ILE B 34 -11.08 -4.58 17.75
CA ILE B 34 -9.93 -3.68 17.64
C ILE B 34 -8.67 -4.46 17.95
N ILE B 35 -7.66 -4.28 17.10
CA ILE B 35 -6.36 -4.90 17.24
C ILE B 35 -5.38 -3.96 17.91
N PHE B 36 -5.42 -2.68 17.53
CA PHE B 36 -4.45 -1.71 18.00
C PHE B 36 -5.05 -0.33 17.83
N GLU B 37 -4.67 0.58 18.73
CA GLU B 37 -5.11 1.96 18.61
C GLU B 37 -3.97 2.83 19.11
N ASP B 38 -3.86 4.02 18.54
CA ASP B 38 -3.03 5.06 19.13
C ASP B 38 -3.77 6.38 18.97
N ASP B 39 -3.06 7.49 19.09
CA ASP B 39 -3.69 8.80 18.98
C ASP B 39 -4.09 9.17 17.56
N ARG B 40 -3.60 8.44 16.56
CA ARG B 40 -3.78 8.87 15.17
C ARG B 40 -4.27 7.77 14.23
N CYS B 41 -4.43 6.54 14.70
CA CYS B 41 -4.91 5.48 13.82
C CYS B 41 -5.58 4.39 14.63
N LEU B 42 -6.24 3.48 13.92
CA LEU B 42 -6.98 2.39 14.53
C LEU B 42 -6.88 1.19 13.60
N ALA B 43 -6.59 0.01 14.16
CA ALA B 43 -6.54 -1.22 13.39
C ALA B 43 -7.61 -2.17 13.94
N PHE B 44 -8.38 -2.78 13.05
CA PHE B 44 -9.49 -3.64 13.46
C PHE B 44 -9.77 -4.69 12.40
N HIS B 45 -10.33 -5.82 12.82
CA HIS B 45 -10.62 -6.89 11.88
C HIS B 45 -11.73 -6.50 10.93
N ASP B 46 -11.57 -6.86 9.66
CA ASP B 46 -12.60 -6.55 8.67
C ASP B 46 -13.85 -7.40 8.92
N ILE B 47 -15.02 -6.78 8.73
CA ILE B 47 -16.27 -7.51 8.96
C ILE B 47 -16.57 -8.52 7.86
N SER B 48 -15.97 -8.39 6.68
CA SER B 48 -16.19 -9.29 5.55
C SER B 48 -14.83 -9.85 5.14
N PRO B 49 -14.23 -10.73 5.95
CA PRO B 49 -12.83 -11.10 5.70
C PRO B 49 -12.66 -11.94 4.44
N GLN B 50 -11.60 -11.64 3.70
CA GLN B 50 -11.26 -12.31 2.45
C GLN B 50 -10.09 -13.26 2.59
N ALA B 51 -9.59 -13.44 3.80
CA ALA B 51 -8.49 -14.32 4.12
C ALA B 51 -8.63 -14.70 5.59
N PRO B 52 -7.93 -15.74 6.04
CA PRO B 52 -8.09 -16.13 7.45
C PRO B 52 -7.76 -15.01 8.42
N THR B 53 -6.81 -14.14 8.06
CA THR B 53 -6.60 -12.88 8.75
C THR B 53 -6.82 -11.77 7.74
N HIS B 54 -7.71 -10.83 8.07
CA HIS B 54 -7.97 -9.71 7.19
C HIS B 54 -8.37 -8.56 8.10
N PHE B 55 -7.50 -7.56 8.22
CA PHE B 55 -7.79 -6.41 9.05
C PHE B 55 -7.51 -5.14 8.29
N LEU B 56 -7.97 -4.02 8.86
CA LEU B 56 -7.82 -2.69 8.29
C LEU B 56 -7.05 -1.82 9.26
N VAL B 57 -6.24 -0.91 8.71
CA VAL B 57 -5.62 0.16 9.47
C VAL B 57 -6.10 1.46 8.87
N ILE B 58 -6.70 2.32 9.70
CA ILE B 58 -7.27 3.58 9.20
C ILE B 58 -6.74 4.75 10.01
N PRO B 59 -6.58 5.92 9.39
CA PRO B 59 -6.24 7.12 10.16
C PRO B 59 -7.47 7.63 10.87
N LYS B 60 -7.24 8.27 12.01
CA LYS B 60 -8.36 8.95 12.67
C LYS B 60 -8.75 10.22 11.93
N LYS B 61 -7.80 10.88 11.27
CA LYS B 61 -8.11 12.00 10.39
C LYS B 61 -8.93 11.49 9.20
N HIS B 62 -10.02 12.17 8.89
CA HIS B 62 -10.87 11.71 7.79
C HIS B 62 -10.31 12.19 6.45
N ILE B 63 -9.44 11.37 5.88
CA ILE B 63 -9.03 11.49 4.48
C ILE B 63 -9.93 10.54 3.71
N SER B 64 -10.67 11.07 2.73
CA SER B 64 -11.71 10.25 2.10
C SER B 64 -11.12 9.19 1.18
N GLN B 65 -10.00 9.47 0.55
CA GLN B 65 -9.41 8.56 -0.42
C GLN B 65 -7.98 8.98 -0.66
N ILE B 66 -7.14 8.02 -1.06
CA ILE B 66 -5.72 8.31 -1.18
C ILE B 66 -5.47 9.40 -2.22
N SER B 67 -6.34 9.52 -3.22
CA SER B 67 -6.12 10.53 -4.26
C SER B 67 -6.17 11.97 -3.72
N VAL B 68 -6.77 12.19 -2.56
CA VAL B 68 -6.87 13.54 -2.00
C VAL B 68 -5.94 13.72 -0.80
N ALA B 69 -5.10 12.74 -0.50
CA ALA B 69 -4.14 12.92 0.58
C ALA B 69 -3.17 14.04 0.24
N GLU B 70 -2.78 14.81 1.26
CA GLU B 70 -1.88 15.93 1.09
C GLU B 70 -0.44 15.49 1.38
N ASP B 71 0.51 16.33 0.94
CA ASP B 71 1.91 16.03 1.18
C ASP B 71 2.21 15.90 2.67
N ASP B 72 1.58 16.75 3.49
CA ASP B 72 1.79 16.72 4.93
C ASP B 72 1.30 15.42 5.57
N ASP B 73 0.50 14.63 4.86
CA ASP B 73 0.01 13.35 5.35
C ASP B 73 1.00 12.21 5.14
N GLU B 74 2.19 12.48 4.60
N GLU B 74 2.20 12.47 4.61
CA GLU B 74 3.11 11.41 4.25
CA GLU B 74 3.07 11.35 4.24
C GLU B 74 3.44 10.53 5.46
C GLU B 74 3.50 10.51 5.44
N SER B 75 3.84 11.15 6.56
CA SER B 75 4.25 10.37 7.73
CA SER B 75 4.25 10.34 7.70
C SER B 75 3.07 9.57 8.30
N LEU B 76 1.87 10.17 8.27
CA LEU B 76 0.68 9.47 8.74
C LEU B 76 0.40 8.23 7.89
N LEU B 77 0.48 8.36 6.57
CA LEU B 77 0.24 7.21 5.70
C LEU B 77 1.28 6.12 5.93
N GLY B 78 2.54 6.51 6.07
CA GLY B 78 3.56 5.53 6.40
C GLY B 78 3.33 4.91 7.76
N HIS B 79 2.80 5.69 8.71
CA HIS B 79 2.46 5.15 10.02
C HIS B 79 1.42 4.03 9.91
N LEU B 80 0.45 4.17 9.01
CA LEU B 80 -0.51 3.09 8.80
C LEU B 80 0.18 1.81 8.38
N MET B 81 1.19 1.92 7.49
CA MET B 81 1.90 0.75 7.02
C MET B 81 2.76 0.12 8.11
N ILE B 82 3.43 0.94 8.91
CA ILE B 82 4.23 0.41 10.00
C ILE B 82 3.35 -0.27 11.05
N VAL B 83 2.24 0.38 11.41
CA VAL B 83 1.28 -0.25 12.31
C VAL B 83 0.76 -1.55 11.71
N GLY B 84 0.46 -1.53 10.41
CA GLY B 84 -0.04 -2.73 9.75
C GLY B 84 0.94 -3.88 9.82
N LYS B 85 2.23 -3.61 9.53
CA LYS B 85 3.18 -4.71 9.57
C LYS B 85 3.44 -5.19 10.99
N LYS B 86 3.39 -4.29 11.97
CA LYS B 86 3.55 -4.72 13.36
C LYS B 86 2.36 -5.55 13.83
N CYS B 87 1.14 -5.14 13.45
CA CYS B 87 -0.03 -5.93 13.77
C CYS B 87 0.02 -7.29 13.10
N ALA B 88 0.47 -7.34 11.84
CA ALA B 88 0.58 -8.62 11.13
C ALA B 88 1.51 -9.57 11.87
N ALA B 89 2.65 -9.08 12.34
CA ALA B 89 3.56 -9.92 13.12
C ALA B 89 2.90 -10.39 14.40
N ASP B 90 2.20 -9.49 15.11
CA ASP B 90 1.55 -9.87 16.35
C ASP B 90 0.44 -10.90 16.12
N LEU B 91 -0.20 -10.87 14.95
CA LEU B 91 -1.25 -11.82 14.61
C LEU B 91 -0.70 -13.11 14.01
N GLY B 92 0.62 -13.28 13.99
CA GLY B 92 1.22 -14.54 13.59
C GLY B 92 1.38 -14.76 12.10
N LEU B 93 1.38 -13.69 11.30
CA LEU B 93 1.47 -13.81 9.84
C LEU B 93 2.93 -13.95 9.39
N ASN B 94 3.58 -15.02 9.88
CA ASN B 94 5.01 -15.21 9.63
C ASN B 94 5.32 -15.69 8.22
N LYS B 95 4.32 -16.16 7.47
CA LYS B 95 4.55 -16.54 6.09
C LYS B 95 4.26 -15.42 5.11
N GLY B 96 3.83 -14.27 5.58
CA GLY B 96 3.63 -13.11 4.73
C GLY B 96 2.17 -12.69 4.66
N TYR B 97 1.94 -11.66 3.85
CA TYR B 97 0.65 -11.01 3.77
C TYR B 97 0.69 -10.03 2.60
N ARG B 98 -0.48 -9.49 2.28
CA ARG B 98 -0.61 -8.47 1.26
C ARG B 98 -1.30 -7.25 1.84
N MET B 99 -0.76 -6.08 1.53
CA MET B 99 -1.35 -4.79 1.87
C MET B 99 -2.01 -4.18 0.65
N VAL B 100 -3.20 -3.61 0.84
CA VAL B 100 -3.97 -3.08 -0.29
C VAL B 100 -4.61 -1.76 0.12
N VAL B 101 -4.54 -0.76 -0.76
CA VAL B 101 -5.35 0.45 -0.67
C VAL B 101 -6.14 0.58 -1.97
N ASN B 102 -7.45 0.72 -1.86
CA ASN B 102 -8.33 0.89 -3.01
C ASN B 102 -8.70 2.34 -3.20
N GLU B 103 -8.69 2.80 -4.45
CA GLU B 103 -9.09 4.17 -4.80
C GLU B 103 -10.22 4.13 -5.82
N GLY B 104 -11.36 4.70 -5.46
CA GLY B 104 -12.40 4.95 -6.44
C GLY B 104 -13.10 3.71 -6.95
N SER B 105 -13.86 3.91 -8.03
CA SER B 105 -14.71 2.86 -8.58
CA SER B 105 -14.70 2.84 -8.55
C SER B 105 -13.87 1.72 -9.16
N ASP B 106 -12.89 2.06 -10.00
CA ASP B 106 -12.07 1.00 -10.59
C ASP B 106 -11.24 0.29 -9.53
N GLY B 107 -10.84 1.00 -8.49
CA GLY B 107 -10.09 0.33 -7.44
C GLY B 107 -10.94 -0.50 -6.50
N GLY B 108 -12.26 -0.44 -6.64
CA GLY B 108 -13.12 -1.22 -5.77
C GLY B 108 -13.21 -0.68 -4.37
N GLN B 109 -12.97 0.61 -4.18
CA GLN B 109 -13.04 1.20 -2.84
C GLN B 109 -14.46 1.12 -2.31
N SER B 110 -14.61 0.53 -1.12
CA SER B 110 -15.93 0.27 -0.56
C SER B 110 -16.37 1.30 0.46
N VAL B 111 -15.42 2.00 1.11
CA VAL B 111 -15.70 3.01 2.11
C VAL B 111 -14.81 4.20 1.82
N TYR B 112 -15.40 5.40 1.75
CA TYR B 112 -14.65 6.61 1.45
C TYR B 112 -14.04 7.21 2.73
N HIS B 113 -13.20 6.39 3.33
CA HIS B 113 -12.28 6.77 4.41
C HIS B 113 -11.04 5.93 4.14
N VAL B 114 -9.88 6.56 3.95
CA VAL B 114 -8.67 5.81 3.58
CA VAL B 114 -8.70 5.79 3.55
C VAL B 114 -8.49 4.64 4.52
N ASN B 115 -8.26 3.46 3.95
CA ASN B 115 -8.09 2.28 4.77
C ASN B 115 -7.10 1.33 4.12
N LEU B 116 -6.15 0.85 4.91
CA LEU B 116 -5.13 -0.09 4.46
C LEU B 116 -5.60 -1.49 4.84
N HIS B 117 -5.83 -2.34 3.85
CA HIS B 117 -6.15 -3.74 4.11
C HIS B 117 -4.88 -4.52 4.31
N VAL B 118 -4.91 -5.47 5.26
CA VAL B 118 -3.82 -6.42 5.44
C VAL B 118 -4.44 -7.81 5.44
N LEU B 119 -4.03 -8.65 4.50
CA LEU B 119 -4.61 -9.98 4.31
C LEU B 119 -3.53 -11.04 4.38
N GLY B 120 -3.78 -12.10 5.13
CA GLY B 120 -2.83 -13.18 5.20
C GLY B 120 -3.46 -14.43 5.75
N GLY B 121 -2.62 -15.43 5.98
CA GLY B 121 -3.09 -16.73 6.44
C GLY B 121 -3.47 -17.66 5.34
N ARG B 122 -3.28 -17.27 4.09
CA ARG B 122 -3.45 -18.13 2.92
C ARG B 122 -2.55 -17.56 1.85
N GLN B 123 -2.32 -18.35 0.80
CA GLN B 123 -1.62 -17.83 -0.36
C GLN B 123 -2.46 -16.75 -1.02
N MET B 124 -1.86 -15.58 -1.21
CA MET B 124 -2.48 -14.53 -2.02
C MET B 124 -2.03 -14.71 -3.47
N HIS B 125 -2.94 -14.47 -4.40
CA HIS B 125 -2.74 -14.86 -5.79
C HIS B 125 -2.42 -13.64 -6.65
N TRP B 126 -2.13 -13.90 -7.92
CA TRP B 126 -1.77 -12.83 -8.85
C TRP B 126 -2.57 -13.08 -10.12
N PRO B 127 -3.22 -12.05 -10.66
CA PRO B 127 -3.21 -10.63 -10.29
C PRO B 127 -3.95 -10.35 -8.98
N PRO B 128 -3.70 -9.21 -8.36
CA PRO B 128 -4.36 -8.87 -7.08
C PRO B 128 -5.75 -8.29 -7.31
N GLY B 129 -6.63 -9.10 -7.88
CA GLY B 129 -7.92 -8.63 -8.36
C GLY B 129 -7.81 -8.11 -9.78
#